data_2F62
#
_entry.id   2F62
#
_cell.length_a   58.614
_cell.length_b   75.913
_cell.length_c   85.957
_cell.angle_alpha   90.00
_cell.angle_beta   90.03
_cell.angle_gamma   90.00
#
_symmetry.space_group_name_H-M   'C 1 2 1'
#
loop_
_entity.id
_entity.type
_entity.pdbx_description
1 polymer 'Nucleoside 2-deoxyribosyltransferase'
2 non-polymer 'SULFATE ION'
3 non-polymer (2-ETHYLPHENYL)METHANOL
4 non-polymer GLYCEROL
5 water water
#
_entity_poly.entity_id   1
_entity_poly.type   'polypeptide(L)'
_entity_poly.pdbx_seq_one_letter_code
;(MSE)AHHHHHH(MSE)RKIYIAGPAVFNPD(MSE)GASYYNKVRELLKKENV(MSE)PLIPTDNEATEALDIRQKNIQ
(MSE)IKDCDAVIADLSPFRGHEPDCGTAFEVGCAAALNK(MSE)VLTFTSDRRN(MSE)REKYGSGVDKDNLRVEGFGL
PFNL(MSE)LYDGVEVFDSFESAFKYFLANFPSK
;
_entity_poly.pdbx_strand_id   A,B
#
loop_
_chem_comp.id
_chem_comp.type
_chem_comp.name
_chem_comp.formula
12M non-polymer (2-ETHYLPHENYL)METHANOL 'C9 H12 O'
GOL non-polymer GLYCEROL 'C3 H8 O3'
SO4 non-polymer 'SULFATE ION' 'O4 S -2'
#
# COMPACT_ATOMS: atom_id res chain seq x y z
N HIS A 3 -14.39 40.48 -1.25
CA HIS A 3 -15.36 40.16 -0.17
C HIS A 3 -16.11 38.86 -0.51
N HIS A 4 -16.45 38.10 0.53
CA HIS A 4 -17.07 36.79 0.39
C HIS A 4 -16.43 35.93 -0.69
N HIS A 5 -15.11 35.85 -0.60
CA HIS A 5 -14.29 34.95 -1.41
C HIS A 5 -14.53 33.52 -0.97
N HIS A 6 -14.34 32.58 -1.89
CA HIS A 6 -14.37 31.16 -1.54
C HIS A 6 -13.28 30.86 -0.51
N HIS A 7 -13.66 30.10 0.52
CA HIS A 7 -12.71 29.68 1.55
CA HIS A 7 -12.74 29.68 1.56
C HIS A 7 -12.52 28.17 1.50
N HIS A 8 -11.27 27.76 1.31
CA HIS A 8 -10.94 26.35 1.28
C HIS A 8 -10.89 25.81 2.70
N MSE A 9 -11.64 24.75 2.95
CA MSE A 9 -11.53 24.04 4.21
C MSE A 9 -10.55 22.88 4.04
O MSE A 9 -10.70 22.04 3.17
CB MSE A 9 -12.89 23.51 4.67
CG MSE A 9 -12.84 22.82 6.01
SE MSE A 9 -14.63 22.37 6.57
CE MSE A 9 -15.28 24.11 7.04
N ARG A 10 -9.54 22.87 4.90
CA ARG A 10 -8.52 21.83 4.86
C ARG A 10 -9.12 20.47 5.20
N LYS A 11 -8.63 19.44 4.51
CA LYS A 11 -9.16 18.09 4.66
C LYS A 11 -8.03 17.09 4.81
N ILE A 12 -8.19 16.17 5.76
CA ILE A 12 -7.17 15.14 5.99
C ILE A 12 -7.80 13.76 5.87
N TYR A 13 -7.23 12.92 5.00
CA TYR A 13 -7.66 11.54 4.88
C TYR A 13 -7.10 10.74 6.05
N ILE A 14 -8.00 10.04 6.73
CA ILE A 14 -7.66 9.36 7.98
C ILE A 14 -7.44 7.87 7.69
N ALA A 15 -6.21 7.54 7.30
CA ALA A 15 -5.86 6.17 6.91
C ALA A 15 -5.41 5.38 8.13
N GLY A 16 -5.87 4.13 8.23
CA GLY A 16 -5.45 3.30 9.34
C GLY A 16 -6.39 2.18 9.68
N PRO A 17 -5.88 1.15 10.38
CA PRO A 17 -6.68 -0.03 10.68
C PRO A 17 -7.69 0.09 11.81
N ALA A 18 -7.93 1.30 12.31
CA ALA A 18 -8.98 1.53 13.31
C ALA A 18 -10.33 0.98 12.85
N VAL A 19 -10.54 0.98 11.53
CA VAL A 19 -11.77 0.45 10.94
C VAL A 19 -12.05 -1.01 11.37
N PHE A 20 -10.99 -1.73 11.75
CA PHE A 20 -11.11 -3.14 12.14
C PHE A 20 -11.31 -3.34 13.65
N ASN A 21 -11.30 -2.25 14.41
CA ASN A 21 -11.66 -2.33 15.82
C ASN A 21 -13.09 -2.86 15.94
N PRO A 22 -13.42 -3.51 17.09
CA PRO A 22 -14.79 -4.02 17.28
C PRO A 22 -15.88 -2.99 17.01
N ASP A 23 -15.62 -1.72 17.31
CA ASP A 23 -16.59 -0.65 17.10
C ASP A 23 -16.48 -0.01 15.70
N MSE A 24 -15.77 -0.69 14.80
CA MSE A 24 -15.52 -0.22 13.44
C MSE A 24 -14.77 1.13 13.40
O MSE A 24 -14.85 1.86 12.40
CB MSE A 24 -16.81 -0.14 12.61
CG MSE A 24 -17.47 -1.49 12.37
SE MSE A 24 -19.15 -1.30 11.41
CE MSE A 24 -18.45 -0.73 9.69
N GLY A 25 -14.04 1.42 14.47
CA GLY A 25 -13.22 2.63 14.55
C GLY A 25 -13.87 3.83 15.18
N ALA A 26 -15.10 3.66 15.68
CA ALA A 26 -15.87 4.77 16.26
C ALA A 26 -15.08 5.59 17.29
N SER A 27 -14.42 4.92 18.23
CA SER A 27 -13.67 5.63 19.29
C SER A 27 -12.49 6.43 18.75
N TYR A 28 -11.77 5.86 17.79
CA TYR A 28 -10.64 6.52 17.14
C TYR A 28 -11.15 7.71 16.31
N TYR A 29 -12.14 7.45 15.47
CA TYR A 29 -12.69 8.49 14.59
C TYR A 29 -13.33 9.63 15.36
N ASN A 30 -14.03 9.31 16.45
CA ASN A 30 -14.61 10.37 17.28
C ASN A 30 -13.55 11.29 17.89
N LYS A 31 -12.43 10.70 18.32
CA LYS A 31 -11.30 11.47 18.83
C LYS A 31 -10.68 12.35 17.74
N VAL A 32 -10.54 11.77 16.54
CA VAL A 32 -10.04 12.50 15.38
C VAL A 32 -10.98 13.66 15.04
N ARG A 33 -12.28 13.39 15.00
CA ARG A 33 -13.28 14.41 14.68
CA ARG A 33 -13.28 14.41 14.68
C ARG A 33 -13.19 15.60 15.63
N GLU A 34 -13.07 15.31 16.93
CA GLU A 34 -13.00 16.35 17.96
C GLU A 34 -11.73 17.20 17.82
N LEU A 35 -10.61 16.54 17.58
CA LEU A 35 -9.32 17.21 17.44
C LEU A 35 -9.29 18.13 16.22
N LEU A 36 -9.78 17.62 15.09
CA LEU A 36 -9.76 18.38 13.85
C LEU A 36 -10.79 19.51 13.83
N LYS A 37 -11.95 19.28 14.46
CA LYS A 37 -13.02 20.29 14.54
C LYS A 37 -12.52 21.61 15.13
N LYS A 38 -11.69 21.51 16.17
CA LYS A 38 -11.15 22.67 16.85
C LYS A 38 -10.29 23.57 15.95
N GLU A 39 -9.79 22.99 14.85
CA GLU A 39 -8.93 23.70 13.92
C GLU A 39 -9.58 23.95 12.56
N ASN A 40 -10.90 23.71 12.48
CA ASN A 40 -11.65 23.86 11.22
C ASN A 40 -11.08 22.99 10.09
N VAL A 41 -10.63 21.79 10.46
CA VAL A 41 -10.13 20.81 9.49
C VAL A 41 -11.13 19.67 9.40
N MSE A 42 -11.41 19.23 8.18
CA MSE A 42 -12.35 18.13 8.04
C MSE A 42 -11.67 16.79 7.88
O MSE A 42 -10.83 16.62 7.00
CB MSE A 42 -13.32 18.35 6.90
CG MSE A 42 -14.40 17.29 6.90
SE MSE A 42 -15.80 17.69 5.70
CE MSE A 42 -14.83 17.43 4.09
N PRO A 43 -12.05 15.81 8.72
CA PRO A 43 -11.58 14.45 8.52
C PRO A 43 -12.31 13.79 7.35
N LEU A 44 -11.55 13.11 6.48
CA LEU A 44 -12.13 12.24 5.48
C LEU A 44 -11.90 10.82 5.97
N ILE A 45 -12.97 10.21 6.46
CA ILE A 45 -12.91 8.94 7.16
C ILE A 45 -13.39 7.80 6.25
N PRO A 46 -12.60 6.72 6.16
CA PRO A 46 -12.86 5.60 5.24
C PRO A 46 -14.28 5.03 5.27
N THR A 47 -14.92 5.06 6.43
CA THR A 47 -16.26 4.48 6.59
C THR A 47 -17.40 5.49 6.39
N ASP A 48 -17.08 6.74 6.08
CA ASP A 48 -18.11 7.75 5.85
CA ASP A 48 -18.09 7.77 5.82
C ASP A 48 -19.00 7.37 4.66
N ASN A 49 -20.30 7.48 4.87
CA ASN A 49 -21.32 7.13 3.85
C ASN A 49 -20.99 5.82 3.13
N GLU A 50 -20.66 4.79 3.92
CA GLU A 50 -20.09 3.56 3.37
C GLU A 50 -21.03 2.81 2.44
N ALA A 51 -20.53 2.49 1.26
CA ALA A 51 -21.26 1.69 0.28
C ALA A 51 -21.24 0.24 0.70
N THR A 52 -21.92 -0.62 -0.07
CA THR A 52 -21.98 -2.04 0.25
C THR A 52 -21.03 -2.87 -0.61
N GLU A 53 -20.68 -2.36 -1.80
CA GLU A 53 -19.83 -3.10 -2.73
C GLU A 53 -18.37 -2.71 -2.56
N ALA A 54 -17.50 -3.72 -2.48
CA ALA A 54 -16.06 -3.49 -2.28
C ALA A 54 -15.49 -2.44 -3.22
N LEU A 55 -15.78 -2.55 -4.52
CA LEU A 55 -15.23 -1.63 -5.50
C LEU A 55 -15.69 -0.18 -5.29
N ASP A 56 -16.92 -0.02 -4.78
CA ASP A 56 -17.46 1.31 -4.49
C ASP A 56 -16.79 1.93 -3.28
N ILE A 57 -16.59 1.13 -2.23
CA ILE A 57 -15.86 1.56 -1.04
C ILE A 57 -14.45 1.99 -1.43
N ARG A 58 -13.79 1.16 -2.23
CA ARG A 58 -12.43 1.47 -2.69
C ARG A 58 -12.40 2.77 -3.49
N GLN A 59 -13.32 2.93 -4.44
CA GLN A 59 -13.32 4.12 -5.29
C GLN A 59 -13.53 5.39 -4.46
N LYS A 60 -14.46 5.33 -3.50
CA LYS A 60 -14.75 6.47 -2.64
CA LYS A 60 -14.74 6.48 -2.65
C LYS A 60 -13.52 6.84 -1.81
N ASN A 61 -12.80 5.82 -1.33
CA ASN A 61 -11.59 6.08 -0.55
C ASN A 61 -10.47 6.68 -1.38
N ILE A 62 -10.30 6.17 -2.60
CA ILE A 62 -9.34 6.77 -3.52
C ILE A 62 -9.70 8.22 -3.83
N GLN A 63 -10.99 8.50 -4.02
CA GLN A 63 -11.44 9.86 -4.28
C GLN A 63 -11.15 10.78 -3.10
N MSE A 64 -11.30 10.25 -1.88
CA MSE A 64 -10.99 11.01 -0.67
C MSE A 64 -9.53 11.42 -0.65
O MSE A 64 -9.19 12.54 -0.29
CB MSE A 64 -11.35 10.22 0.58
CG MSE A 64 -12.84 10.22 0.88
SE MSE A 64 -13.23 9.35 2.58
CE MSE A 64 -15.00 10.00 2.82
N ILE A 65 -8.65 10.49 -1.05
CA ILE A 65 -7.23 10.79 -1.14
C ILE A 65 -6.98 11.85 -2.21
N LYS A 66 -7.63 11.73 -3.36
CA LYS A 66 -7.52 12.75 -4.41
C LYS A 66 -7.96 14.12 -3.90
N ASP A 67 -8.97 14.13 -3.03
CA ASP A 67 -9.59 15.37 -2.54
C ASP A 67 -8.89 16.01 -1.33
N CYS A 68 -8.02 15.25 -0.68
CA CYS A 68 -7.44 15.69 0.59
C CYS A 68 -6.28 16.66 0.40
N ASP A 69 -5.96 17.38 1.49
CA ASP A 69 -4.76 18.19 1.54
C ASP A 69 -3.58 17.40 2.08
N ALA A 70 -3.88 16.44 2.96
CA ALA A 70 -2.88 15.53 3.50
C ALA A 70 -3.51 14.22 3.94
N VAL A 71 -2.68 13.19 4.01
CA VAL A 71 -3.06 11.93 4.64
C VAL A 71 -2.33 11.85 5.95
N ILE A 72 -3.04 11.51 7.03
CA ILE A 72 -2.38 11.06 8.25
C ILE A 72 -2.66 9.57 8.34
N ALA A 73 -1.58 8.78 8.27
CA ALA A 73 -1.69 7.33 8.20
C ALA A 73 -1.16 6.67 9.45
N ASP A 74 -2.00 5.81 10.03
CA ASP A 74 -1.63 4.98 11.17
C ASP A 74 -0.92 3.74 10.69
N LEU A 75 0.42 3.75 10.78
CA LEU A 75 1.24 2.61 10.39
C LEU A 75 1.69 1.77 11.58
N SER A 76 0.87 1.77 12.64
CA SER A 76 1.11 0.94 13.80
C SER A 76 1.09 -0.55 13.44
N PRO A 77 1.76 -1.39 14.25
CA PRO A 77 1.68 -2.83 14.05
C PRO A 77 0.24 -3.27 13.90
N PHE A 78 -0.02 -4.07 12.86
CA PHE A 78 -1.33 -4.66 12.66
C PHE A 78 -1.18 -6.14 12.35
N ARG A 79 -1.71 -6.98 13.25
CA ARG A 79 -1.63 -8.44 13.14
C ARG A 79 -0.17 -8.93 13.09
N GLY A 80 0.67 -8.28 13.90
CA GLY A 80 2.10 -8.55 13.92
C GLY A 80 2.87 -7.25 13.82
N HIS A 81 4.15 -7.32 13.45
CA HIS A 81 4.99 -6.12 13.39
C HIS A 81 4.79 -5.24 12.15
N GLU A 82 4.06 -5.75 11.15
CA GLU A 82 3.89 -5.05 9.88
C GLU A 82 2.67 -4.13 9.96
N PRO A 83 2.74 -2.95 9.33
CA PRO A 83 1.53 -2.11 9.22
C PRO A 83 0.42 -2.78 8.39
N ASP A 84 -0.77 -2.19 8.46
CA ASP A 84 -1.91 -2.63 7.67
C ASP A 84 -1.71 -2.37 6.17
N CYS A 85 -1.98 -3.38 5.35
CA CYS A 85 -1.75 -3.26 3.91
CA CYS A 85 -1.84 -3.31 3.90
C CYS A 85 -2.73 -2.31 3.22
N GLY A 86 -3.94 -2.14 3.76
CA GLY A 86 -4.89 -1.19 3.19
C GLY A 86 -4.38 0.22 3.36
N THR A 87 -3.90 0.50 4.57
CA THR A 87 -3.27 1.78 4.89
C THR A 87 -2.06 2.01 3.98
N ALA A 88 -1.26 0.96 3.78
CA ALA A 88 -0.08 1.04 2.92
C ALA A 88 -0.47 1.38 1.48
N PHE A 89 -1.54 0.75 0.99
CA PHE A 89 -2.07 1.06 -0.34
C PHE A 89 -2.41 2.54 -0.44
N GLU A 90 -3.07 3.06 0.59
CA GLU A 90 -3.49 4.46 0.62
C GLU A 90 -2.31 5.43 0.66
N VAL A 91 -1.27 5.05 1.40
CA VAL A 91 -0.03 5.83 1.44
C VAL A 91 0.62 5.87 0.04
N GLY A 92 0.62 4.74 -0.66
CA GLY A 92 1.12 4.69 -2.04
C GLY A 92 0.32 5.53 -3.00
N CYS A 93 -1.00 5.46 -2.88
CA CYS A 93 -1.89 6.28 -3.69
CA CYS A 93 -1.92 6.31 -3.66
C CYS A 93 -1.57 7.77 -3.50
N ALA A 94 -1.48 8.19 -2.24
CA ALA A 94 -1.16 9.57 -1.91
C ALA A 94 0.21 10.00 -2.43
N ALA A 95 1.20 9.12 -2.33
CA ALA A 95 2.55 9.42 -2.83
C ALA A 95 2.54 9.71 -4.32
N ALA A 96 1.86 8.86 -5.09
CA ALA A 96 1.77 9.01 -6.54
C ALA A 96 1.06 10.31 -6.93
N LEU A 97 0.14 10.74 -6.07
CA LEU A 97 -0.62 11.99 -6.30
C LEU A 97 0.07 13.23 -5.74
N ASN A 98 1.30 13.05 -5.24
CA ASN A 98 2.10 14.14 -4.67
CA ASN A 98 2.10 14.13 -4.66
C ASN A 98 1.40 14.84 -3.49
N LYS A 99 0.67 14.07 -2.70
CA LYS A 99 0.01 14.59 -1.50
C LYS A 99 0.97 14.58 -0.33
N MSE A 100 0.79 15.50 0.60
CA MSE A 100 1.50 15.46 1.87
C MSE A 100 1.07 14.20 2.61
O MSE A 100 -0.13 13.98 2.82
CB MSE A 100 1.20 16.69 2.71
CG MSE A 100 1.80 16.62 4.10
SE MSE A 100 1.52 18.25 5.14
CE MSE A 100 2.73 19.43 4.17
N VAL A 101 2.03 13.37 2.99
CA VAL A 101 1.75 12.15 3.74
C VAL A 101 2.48 12.21 5.06
N LEU A 102 1.71 12.07 6.14
CA LEU A 102 2.25 12.07 7.49
C LEU A 102 1.90 10.74 8.11
N THR A 103 2.88 10.07 8.71
CA THR A 103 2.67 8.74 9.25
C THR A 103 3.00 8.70 10.72
N PHE A 104 2.33 7.81 11.45
CA PHE A 104 2.69 7.58 12.84
C PHE A 104 2.62 6.09 13.17
N THR A 105 3.24 5.71 14.27
CA THR A 105 3.14 4.35 14.77
C THR A 105 3.28 4.30 16.27
N SER A 106 2.61 3.34 16.90
CA SER A 106 2.72 3.09 18.33
C SER A 106 4.03 2.38 18.68
N ASP A 107 4.79 1.99 17.67
CA ASP A 107 6.06 1.27 17.87
C ASP A 107 7.08 1.78 16.86
N ARG A 108 7.99 2.64 17.33
CA ARG A 108 8.98 3.30 16.47
CA ARG A 108 8.96 3.28 16.44
C ARG A 108 10.31 2.57 16.36
N ARG A 109 10.41 1.41 17.00
CA ARG A 109 11.65 0.62 16.95
C ARG A 109 11.95 0.24 15.50
N ASN A 110 13.23 0.10 15.16
CA ASN A 110 13.64 -0.41 13.85
C ASN A 110 13.05 -1.80 13.64
N MSE A 111 12.84 -2.17 12.38
CA MSE A 111 12.31 -3.50 12.07
C MSE A 111 13.15 -4.62 12.70
O MSE A 111 12.60 -5.58 13.24
CB MSE A 111 12.20 -3.71 10.57
CG MSE A 111 11.18 -2.82 9.89
SE MSE A 111 10.87 -3.43 8.07
CE MSE A 111 9.84 -5.01 8.48
N ARG A 112 14.47 -4.50 12.63
CA ARG A 112 15.34 -5.54 13.19
C ARG A 112 15.25 -5.63 14.71
N GLU A 113 14.98 -4.50 15.36
CA GLU A 113 14.71 -4.50 16.79
C GLU A 113 13.38 -5.22 17.10
N LYS A 114 12.36 -4.96 16.29
CA LYS A 114 11.05 -5.58 16.47
C LYS A 114 11.12 -7.09 16.31
N TYR A 115 11.78 -7.55 15.25
CA TYR A 115 11.91 -8.98 14.99
C TYR A 115 13.02 -9.63 15.82
N GLY A 116 13.90 -8.81 16.38
CA GLY A 116 14.98 -9.28 17.24
C GLY A 116 16.14 -9.90 16.47
N SER A 117 16.14 -9.72 15.16
CA SER A 117 17.07 -10.39 14.25
C SER A 117 17.02 -9.75 12.87
N GLY A 118 17.98 -10.12 12.03
CA GLY A 118 17.97 -9.73 10.62
C GLY A 118 17.08 -10.61 9.77
N VAL A 119 16.49 -11.64 10.38
CA VAL A 119 15.52 -12.51 9.71
C VAL A 119 14.34 -12.80 10.63
N ASP A 120 13.18 -13.12 10.05
CA ASP A 120 12.03 -13.57 10.85
C ASP A 120 12.13 -15.06 11.18
N LYS A 121 11.07 -15.61 11.76
CA LYS A 121 11.06 -17.02 12.19
C LYS A 121 11.19 -18.02 11.04
N ASP A 122 10.91 -17.56 9.82
CA ASP A 122 10.96 -18.39 8.62
C ASP A 122 12.18 -18.07 7.77
N ASN A 123 13.14 -17.36 8.36
CA ASN A 123 14.39 -16.98 7.69
C ASN A 123 14.22 -15.99 6.55
N LEU A 124 13.13 -15.22 6.60
CA LEU A 124 12.90 -14.16 5.61
C LEU A 124 13.52 -12.87 6.10
N ARG A 125 14.16 -12.15 5.19
CA ARG A 125 14.95 -10.98 5.53
C ARG A 125 14.12 -9.85 6.13
N VAL A 126 14.66 -9.27 7.19
CA VAL A 126 14.10 -8.08 7.83
C VAL A 126 14.96 -6.89 7.42
N GLU A 127 14.32 -5.85 6.85
CA GLU A 127 15.04 -4.69 6.34
C GLU A 127 15.96 -4.05 7.36
N GLY A 128 17.12 -3.59 6.89
CA GLY A 128 18.12 -2.96 7.76
C GLY A 128 18.44 -1.54 7.32
N PHE A 129 17.46 -0.66 7.40
CA PHE A 129 17.60 0.74 7.00
C PHE A 129 17.32 1.72 8.13
N GLY A 130 17.28 1.21 9.36
CA GLY A 130 17.02 2.05 10.53
C GLY A 130 15.63 2.67 10.51
N LEU A 131 14.67 1.95 9.95
CA LEU A 131 13.28 2.39 9.85
C LEU A 131 12.35 1.42 10.56
N PRO A 132 11.19 1.91 11.03
CA PRO A 132 10.25 1.07 11.79
C PRO A 132 9.38 0.13 10.95
N PHE A 133 9.42 0.29 9.63
CA PHE A 133 8.57 -0.48 8.73
C PHE A 133 9.12 -0.43 7.31
N ASN A 134 8.48 -1.17 6.40
CA ASN A 134 8.90 -1.25 5.01
C ASN A 134 9.31 0.11 4.46
N LEU A 135 10.49 0.19 3.88
CA LEU A 135 11.06 1.48 3.46
C LEU A 135 10.19 2.25 2.44
N MSE A 136 9.34 1.54 1.69
CA MSE A 136 8.46 2.22 0.75
C MSE A 136 7.53 3.21 1.44
O MSE A 136 7.09 4.19 0.84
CB MSE A 136 7.64 1.22 -0.09
CG MSE A 136 8.47 0.25 -0.94
SE MSE A 136 9.67 1.14 -2.21
CE MSE A 136 8.33 1.92 -3.37
N LEU A 137 7.26 2.95 2.73
CA LEU A 137 6.33 3.77 3.51
C LEU A 137 6.96 5.02 4.12
N TYR A 138 8.26 5.20 3.92
CA TYR A 138 9.00 6.34 4.45
C TYR A 138 9.40 7.28 3.32
N ASP A 139 9.03 8.56 3.43
CA ASP A 139 9.34 9.53 2.39
C ASP A 139 10.23 10.70 2.80
N GLY A 140 10.82 10.60 4.00
CA GLY A 140 11.72 11.64 4.49
C GLY A 140 11.11 12.50 5.59
N VAL A 141 9.78 12.53 5.66
CA VAL A 141 9.11 13.19 6.78
C VAL A 141 9.25 12.31 8.01
N GLU A 142 9.44 12.95 9.15
CA GLU A 142 9.56 12.27 10.43
C GLU A 142 8.39 11.30 10.65
N VAL A 143 8.70 10.12 11.21
CA VAL A 143 7.67 9.19 11.65
C VAL A 143 7.25 9.60 13.05
N PHE A 144 5.98 9.98 13.18
CA PHE A 144 5.44 10.48 14.44
C PHE A 144 5.00 9.37 15.39
N ASP A 145 4.76 9.75 16.65
CA ASP A 145 4.39 8.83 17.73
C ASP A 145 2.90 8.64 17.86
N SER A 146 2.13 9.53 17.23
CA SER A 146 0.70 9.60 17.49
C SER A 146 0.03 10.40 16.40
N PHE A 147 -1.29 10.25 16.33
CA PHE A 147 -2.09 11.03 15.41
C PHE A 147 -1.92 12.52 15.70
N GLU A 148 -1.98 12.88 16.98
CA GLU A 148 -1.92 14.27 17.43
CA GLU A 148 -1.94 14.29 17.37
C GLU A 148 -0.62 14.96 16.99
N SER A 149 0.50 14.25 17.13
CA SER A 149 1.80 14.82 16.76
CA SER A 149 1.79 14.81 16.76
C SER A 149 1.89 15.02 15.25
N ALA A 150 1.35 14.07 14.48
CA ALA A 150 1.30 14.23 13.04
C ALA A 150 0.43 15.43 12.68
N PHE A 151 -0.68 15.58 13.39
CA PHE A 151 -1.61 16.68 13.14
C PHE A 151 -0.96 18.04 13.41
N LYS A 152 -0.13 18.10 14.46
CA LYS A 152 0.61 19.32 14.77
C LYS A 152 1.55 19.72 13.62
N TYR A 153 2.21 18.73 13.02
CA TYR A 153 3.05 18.97 11.84
C TYR A 153 2.20 19.51 10.69
N PHE A 154 1.02 18.91 10.48
CA PHE A 154 0.11 19.39 9.45
C PHE A 154 -0.22 20.86 9.64
N LEU A 155 -0.59 21.23 10.87
CA LEU A 155 -1.00 22.60 11.16
C LEU A 155 0.15 23.59 10.93
N ALA A 156 1.38 23.15 11.18
CA ALA A 156 2.55 24.00 11.01
C ALA A 156 2.96 24.16 9.55
N ASN A 157 2.65 23.16 8.73
CA ASN A 157 3.19 23.08 7.37
C ASN A 157 2.16 23.15 6.26
N PHE A 158 0.89 23.19 6.65
CA PHE A 158 -0.22 23.41 5.71
C PHE A 158 -1.18 24.43 6.31
N PRO A 159 -0.82 25.72 6.27
CA PRO A 159 -1.67 26.75 6.86
C PRO A 159 -2.87 27.11 5.98
N SER A 160 -3.86 27.77 6.57
CA SER A 160 -5.02 28.27 5.84
C SER A 160 -4.73 29.62 5.19
N HIS B 3 9.63 3.38 -41.82
CA HIS B 3 10.79 2.46 -41.67
C HIS B 3 11.65 2.90 -40.48
N HIS B 4 12.18 1.93 -39.76
CA HIS B 4 12.95 2.15 -38.54
C HIS B 4 12.27 3.14 -37.59
N HIS B 5 10.98 2.91 -37.37
CA HIS B 5 10.18 3.61 -36.38
C HIS B 5 10.61 3.18 -35.00
N HIS B 6 10.45 4.05 -34.01
CA HIS B 6 10.66 3.67 -32.63
C HIS B 6 9.75 2.50 -32.24
N HIS B 7 10.31 1.54 -31.54
CA HIS B 7 9.55 0.40 -31.04
CA HIS B 7 9.59 0.37 -31.05
C HIS B 7 9.54 0.40 -29.52
N HIS B 8 8.35 0.43 -28.96
CA HIS B 8 8.19 0.39 -27.51
C HIS B 8 8.35 -1.05 -27.03
N MSE B 9 9.26 -1.24 -26.08
CA MSE B 9 9.37 -2.52 -25.41
C MSE B 9 8.50 -2.48 -24.16
O MSE B 9 8.64 -1.59 -23.32
CB MSE B 9 10.82 -2.83 -25.04
CG MSE B 9 11.01 -4.19 -24.42
SE MSE B 9 12.89 -4.55 -24.16
CE MSE B 9 13.42 -4.86 -25.99
N ARG B 10 7.59 -3.45 -24.05
CA ARG B 10 6.71 -3.53 -22.90
C ARG B 10 7.49 -3.82 -21.63
N LYS B 11 7.04 -3.24 -20.53
CA LYS B 11 7.74 -3.32 -19.25
C LYS B 11 6.74 -3.62 -18.14
N ILE B 12 7.11 -4.57 -17.28
CA ILE B 12 6.26 -4.92 -16.13
C ILE B 12 7.04 -4.76 -14.83
N TYR B 13 6.47 -3.99 -13.90
CA TYR B 13 7.04 -3.86 -12.57
C TYR B 13 6.71 -5.10 -11.75
N ILE B 14 7.73 -5.68 -11.16
CA ILE B 14 7.63 -6.97 -10.48
C ILE B 14 7.55 -6.73 -8.98
N ALA B 15 6.34 -6.47 -8.50
CA ALA B 15 6.11 -6.16 -7.09
C ALA B 15 5.88 -7.43 -6.31
N GLY B 16 6.48 -7.51 -5.12
CA GLY B 16 6.28 -8.69 -4.28
C GLY B 16 7.39 -8.91 -3.27
N PRO B 17 7.10 -9.69 -2.22
CA PRO B 17 8.04 -9.94 -1.13
C PRO B 17 9.16 -10.94 -1.43
N ALA B 18 9.30 -11.37 -2.69
CA ALA B 18 10.43 -12.23 -3.07
C ALA B 18 11.78 -11.63 -2.66
N VAL B 19 11.85 -10.30 -2.64
CA VAL B 19 13.06 -9.58 -2.21
C VAL B 19 13.54 -9.99 -0.80
N PHE B 20 12.62 -10.50 0.02
CA PHE B 20 12.94 -10.91 1.39
C PHE B 20 13.33 -12.38 1.52
N ASN B 21 13.30 -13.12 0.41
CA ASN B 21 13.82 -14.49 0.42
C ASN B 21 15.30 -14.46 0.80
N PRO B 22 15.83 -15.57 1.36
CA PRO B 22 17.25 -15.61 1.70
C PRO B 22 18.18 -15.21 0.55
N ASP B 23 17.80 -15.52 -0.68
CA ASP B 23 18.60 -15.16 -1.86
C ASP B 23 18.28 -13.78 -2.43
N MSE B 24 17.56 -12.98 -1.65
CA MSE B 24 17.12 -11.64 -2.06
C MSE B 24 16.23 -11.64 -3.30
O MSE B 24 16.10 -10.63 -4.00
CB MSE B 24 18.32 -10.69 -2.24
CG MSE B 24 19.09 -10.40 -0.97
SE MSE B 24 20.62 -9.23 -1.31
CE MSE B 24 19.66 -7.60 -1.77
N GLY B 25 15.60 -12.79 -3.56
CA GLY B 25 14.65 -12.93 -4.66
C GLY B 25 15.22 -13.50 -5.95
N ALA B 26 16.51 -13.85 -5.93
CA ALA B 26 17.21 -14.34 -7.12
C ALA B 26 16.44 -15.42 -7.89
N SER B 27 15.96 -16.45 -7.19
CA SER B 27 15.26 -17.57 -7.84
C SER B 27 13.94 -17.15 -8.49
N TYR B 28 13.18 -16.30 -7.79
CA TYR B 28 11.92 -15.77 -8.32
C TYR B 28 12.19 -14.87 -9.52
N TYR B 29 13.11 -13.91 -9.34
CA TYR B 29 13.44 -12.96 -10.40
C TYR B 29 14.04 -13.62 -11.64
N ASN B 30 14.87 -14.64 -11.44
CA ASN B 30 15.42 -15.39 -12.57
C ASN B 30 14.33 -16.07 -13.39
N LYS B 31 13.36 -16.65 -12.69
CA LYS B 31 12.21 -17.28 -13.35
C LYS B 31 11.37 -16.25 -14.10
N VAL B 32 11.17 -15.09 -13.47
CA VAL B 32 10.46 -13.97 -14.09
C VAL B 32 11.21 -13.50 -15.34
N ARG B 33 12.53 -13.31 -15.21
CA ARG B 33 13.36 -12.87 -16.34
CA ARG B 33 13.36 -12.87 -16.34
C ARG B 33 13.23 -13.82 -17.54
N GLU B 34 13.29 -15.13 -17.28
CA GLU B 34 13.22 -16.13 -18.34
C GLU B 34 11.86 -16.13 -19.04
N LEU B 35 10.79 -16.03 -18.26
CA LEU B 35 9.43 -16.03 -18.80
C LEU B 35 9.18 -14.80 -19.67
N LEU B 36 9.61 -13.64 -19.18
CA LEU B 36 9.35 -12.38 -19.88
C LEU B 36 10.23 -12.21 -21.12
N LYS B 37 11.47 -12.69 -21.05
CA LYS B 37 12.41 -12.64 -22.17
C LYS B 37 11.82 -13.25 -23.44
N LYS B 38 11.10 -14.36 -23.27
CA LYS B 38 10.52 -15.09 -24.40
C LYS B 38 9.47 -14.27 -25.17
N GLU B 39 8.93 -13.26 -24.51
CA GLU B 39 7.88 -12.41 -25.09
C GLU B 39 8.35 -10.99 -25.36
N ASN B 40 9.66 -10.77 -25.26
CA ASN B 40 10.27 -9.44 -25.43
C ASN B 40 9.68 -8.39 -24.47
N VAL B 41 9.39 -8.85 -23.25
CA VAL B 41 8.91 -7.96 -22.19
C VAL B 41 10.04 -7.77 -21.18
N MSE B 42 10.22 -6.54 -20.73
CA MSE B 42 11.27 -6.30 -19.75
C MSE B 42 10.73 -6.25 -18.33
O MSE B 42 9.81 -5.48 -18.04
CB MSE B 42 12.05 -5.02 -20.05
CG MSE B 42 13.24 -4.90 -19.13
SE MSE B 42 14.43 -3.54 -19.66
CE MSE B 42 13.31 -2.09 -19.25
N PRO B 43 11.31 -7.06 -17.44
CA PRO B 43 10.98 -6.93 -16.02
C PRO B 43 11.65 -5.71 -15.39
N LEU B 44 10.90 -4.96 -14.60
CA LEU B 44 11.45 -3.90 -13.78
C LEU B 44 11.43 -4.42 -12.36
N ILE B 45 12.62 -4.79 -11.89
CA ILE B 45 12.78 -5.54 -10.65
C ILE B 45 13.28 -4.60 -9.54
N PRO B 46 12.61 -4.63 -8.36
CA PRO B 46 12.90 -3.71 -7.27
C PRO B 46 14.37 -3.59 -6.86
N THR B 47 15.13 -4.67 -6.98
CA THR B 47 16.53 -4.70 -6.56
C THR B 47 17.53 -4.36 -7.67
N ASP B 48 17.04 -4.11 -8.88
CA ASP B 48 17.92 -3.76 -10.00
C ASP B 48 18.67 -2.45 -9.73
N ASN B 49 19.98 -2.49 -9.95
CA ASN B 49 20.88 -1.35 -9.71
C ASN B 49 20.62 -0.69 -8.35
N GLU B 50 20.54 -1.52 -7.31
CA GLU B 50 20.06 -1.08 -6.00
C GLU B 50 20.98 -0.06 -5.33
N ALA B 51 20.39 1.07 -4.93
CA ALA B 51 21.09 2.11 -4.20
C ALA B 51 21.26 1.68 -2.74
N THR B 52 21.96 2.50 -1.96
CA THR B 52 22.23 2.18 -0.57
C THR B 52 21.28 2.89 0.40
N GLU B 53 20.75 4.03 -0.02
CA GLU B 53 19.88 4.84 0.84
C GLU B 53 18.41 4.50 0.60
N ALA B 54 17.68 4.33 1.69
CA ALA B 54 16.26 3.99 1.63
C ALA B 54 15.45 4.87 0.68
N LEU B 55 15.61 6.19 0.79
CA LEU B 55 14.85 7.11 -0.04
C LEU B 55 15.17 6.97 -1.53
N ASP B 56 16.42 6.63 -1.84
CA ASP B 56 16.84 6.42 -3.22
C ASP B 56 16.25 5.14 -3.79
N ILE B 57 16.27 4.07 -3.00
CA ILE B 57 15.62 2.82 -3.39
C ILE B 57 14.13 3.05 -3.65
N ARG B 58 13.48 3.74 -2.72
CA ARG B 58 12.07 4.03 -2.87
C ARG B 58 11.79 4.85 -4.12
N GLN B 59 12.58 5.90 -4.34
CA GLN B 59 12.37 6.75 -5.52
C GLN B 59 12.54 5.99 -6.82
N LYS B 60 13.56 5.13 -6.89
CA LYS B 60 13.79 4.33 -8.09
C LYS B 60 12.61 3.38 -8.34
N ASN B 61 12.06 2.81 -7.26
CA ASN B 61 10.94 1.91 -7.40
C ASN B 61 9.66 2.62 -7.84
N ILE B 62 9.42 3.81 -7.29
CA ILE B 62 8.29 4.61 -7.75
C ILE B 62 8.46 4.99 -9.23
N GLN B 63 9.68 5.33 -9.63
CA GLN B 63 9.95 5.65 -11.02
C GLN B 63 9.68 4.47 -11.94
N MSE B 64 10.06 3.27 -11.49
CA MSE B 64 9.79 2.05 -12.25
C MSE B 64 8.29 1.86 -12.48
O MSE B 64 7.87 1.47 -13.57
CB MSE B 64 10.39 0.82 -11.57
CG MSE B 64 11.90 0.70 -11.72
SE MSE B 64 12.55 -0.96 -10.97
CE MSE B 64 14.44 -0.65 -11.06
N ILE B 65 7.49 2.16 -11.47
CA ILE B 65 6.04 2.10 -11.60
C ILE B 65 5.54 3.14 -12.60
N LYS B 66 6.06 4.36 -12.51
CA LYS B 66 5.72 5.40 -13.48
C LYS B 66 6.05 4.96 -14.91
N ASP B 67 7.14 4.21 -15.06
CA ASP B 67 7.67 3.84 -16.38
C ASP B 67 7.05 2.56 -16.96
N CYS B 68 6.34 1.80 -16.12
CA CYS B 68 5.85 0.49 -16.53
C CYS B 68 4.57 0.55 -17.35
N ASP B 69 4.30 -0.53 -18.07
CA ASP B 69 3.03 -0.71 -18.75
C ASP B 69 2.02 -1.41 -17.84
N ALA B 70 2.52 -2.28 -16.97
CA ALA B 70 1.70 -2.94 -15.97
C ALA B 70 2.52 -3.31 -14.75
N VAL B 71 1.83 -3.51 -13.64
CA VAL B 71 2.41 -4.10 -12.44
C VAL B 71 1.84 -5.50 -12.32
N ILE B 72 2.70 -6.49 -12.10
CA ILE B 72 2.24 -7.79 -11.60
C ILE B 72 2.70 -7.89 -10.15
N ALA B 73 1.72 -7.96 -9.25
CA ALA B 73 1.96 -7.89 -7.81
C ALA B 73 1.67 -9.21 -7.12
N ASP B 74 2.67 -9.70 -6.39
CA ASP B 74 2.54 -10.90 -5.58
C ASP B 74 1.94 -10.53 -4.24
N LEU B 75 0.64 -10.76 -4.11
CA LEU B 75 -0.09 -10.48 -2.86
C LEU B 75 -0.30 -11.73 -2.02
N SER B 76 0.62 -12.68 -2.14
CA SER B 76 0.60 -13.90 -1.33
C SER B 76 0.74 -13.55 0.15
N PRO B 77 0.27 -14.44 1.04
CA PRO B 77 0.49 -14.24 2.47
C PRO B 77 1.95 -13.95 2.76
N PHE B 78 2.20 -12.93 3.57
CA PHE B 78 3.53 -12.57 4.01
C PHE B 78 3.52 -12.33 5.51
N ARG B 79 4.24 -13.17 6.24
CA ARG B 79 4.31 -13.08 7.71
C ARG B 79 2.93 -13.22 8.35
N GLY B 80 2.12 -14.10 7.78
CA GLY B 80 0.74 -14.30 8.21
C GLY B 80 -0.17 -14.25 7.00
N HIS B 81 -1.46 -14.04 7.22
CA HIS B 81 -2.45 -14.06 6.14
C HIS B 81 -2.51 -12.79 5.29
N GLU B 82 -1.85 -11.72 5.74
CA GLU B 82 -1.90 -10.43 5.04
C GLU B 82 -0.79 -10.36 3.99
N PRO B 83 -1.06 -9.71 2.84
CA PRO B 83 0.02 -9.46 1.88
C PRO B 83 1.10 -8.52 2.43
N ASP B 84 2.21 -8.43 1.72
CA ASP B 84 3.31 -7.52 2.06
C ASP B 84 2.91 -6.06 1.88
N CYS B 85 3.20 -5.24 2.88
CA CYS B 85 2.80 -3.83 2.81
CA CYS B 85 2.89 -3.80 2.87
C CYS B 85 3.59 -3.01 1.79
N GLY B 86 4.82 -3.41 1.48
CA GLY B 86 5.59 -2.71 0.45
C GLY B 86 4.94 -2.91 -0.90
N THR B 87 4.54 -4.16 -1.15
CA THR B 87 3.82 -4.52 -2.36
C THR B 87 2.49 -3.76 -2.43
N ALA B 88 1.79 -3.67 -1.30
CA ALA B 88 0.53 -2.93 -1.23
C ALA B 88 0.71 -1.45 -1.58
N PHE B 89 1.77 -0.84 -1.04
CA PHE B 89 2.13 0.54 -1.37
C PHE B 89 2.28 0.70 -2.90
N GLU B 90 2.98 -0.26 -3.51
CA GLU B 90 3.26 -0.19 -4.94
C GLU B 90 2.00 -0.36 -5.78
N VAL B 91 1.09 -1.24 -5.33
CA VAL B 91 -0.22 -1.39 -5.94
C VAL B 91 -1.02 -0.08 -5.86
N GLY B 92 -0.97 0.59 -4.70
CA GLY B 92 -1.58 1.91 -4.53
C GLY B 92 -1.01 2.97 -5.46
N CYS B 93 0.32 3.03 -5.54
CA CYS B 93 0.99 3.96 -6.45
CA CYS B 93 1.01 3.93 -6.46
C CYS B 93 0.50 3.74 -7.88
N ALA B 94 0.52 2.48 -8.33
CA ALA B 94 0.09 2.11 -9.67
C ALA B 94 -1.38 2.47 -9.94
N ALA B 95 -2.25 2.23 -8.95
CA ALA B 95 -3.66 2.60 -9.06
C ALA B 95 -3.86 4.09 -9.31
N ALA B 96 -3.17 4.92 -8.53
CA ALA B 96 -3.27 6.37 -8.66
C ALA B 96 -2.76 6.86 -10.01
N LEU B 97 -1.80 6.13 -10.58
CA LEU B 97 -1.22 6.46 -11.88
C LEU B 97 -1.97 5.83 -13.05
N ASN B 98 -3.11 5.20 -12.75
CA ASN B 98 -3.96 4.55 -13.76
CA ASN B 98 -3.97 4.55 -13.74
C ASN B 98 -3.25 3.48 -14.56
N LYS B 99 -2.33 2.76 -13.90
CA LYS B 99 -1.61 1.66 -14.52
C LYS B 99 -2.44 0.39 -14.47
N MSE B 100 -2.23 -0.50 -15.44
CA MSE B 100 -2.79 -1.84 -15.36
C MSE B 100 -2.14 -2.55 -14.18
O MSE B 100 -0.91 -2.66 -14.13
CB MSE B 100 -2.55 -2.62 -16.66
CG MSE B 100 -3.00 -4.06 -16.56
SE MSE B 100 -2.73 -5.05 -18.21
CE MSE B 100 -4.15 -4.23 -19.28
N VAL B 101 -2.96 -3.02 -13.25
CA VAL B 101 -2.46 -3.76 -12.09
C VAL B 101 -3.02 -5.16 -12.11
N LEU B 102 -2.12 -6.14 -12.07
CA LEU B 102 -2.49 -7.54 -12.07
C LEU B 102 -1.93 -8.16 -10.81
N THR B 103 -2.78 -8.86 -10.07
CA THR B 103 -2.35 -9.41 -8.79
C THR B 103 -2.51 -10.92 -8.76
N PHE B 104 -1.67 -11.58 -7.95
CA PHE B 104 -1.83 -13.00 -7.72
C PHE B 104 -1.54 -13.35 -6.27
N THR B 105 -1.98 -14.53 -5.85
CA THR B 105 -1.68 -15.02 -4.52
C THR B 105 -1.66 -16.54 -4.50
N SER B 106 -0.80 -17.09 -3.64
CA SER B 106 -0.71 -18.53 -3.42
C SER B 106 -1.88 -19.05 -2.58
N ASP B 107 -2.72 -18.14 -2.08
CA ASP B 107 -3.86 -18.51 -1.23
C ASP B 107 -5.06 -17.62 -1.58
N ARG B 108 -6.00 -18.18 -2.37
CA ARG B 108 -7.14 -17.41 -2.88
C ARG B 108 -8.39 -17.47 -2.00
N ARG B 109 -8.29 -18.13 -0.85
CA ARG B 109 -9.41 -18.23 0.07
C ARG B 109 -9.81 -16.84 0.54
N ASN B 110 -11.11 -16.64 0.80
CA ASN B 110 -11.61 -15.40 1.41
CA ASN B 110 -11.49 -15.34 1.34
C ASN B 110 -10.90 -15.14 2.74
N MSE B 111 -10.77 -13.88 3.12
CA MSE B 111 -10.14 -13.54 4.40
C MSE B 111 -10.77 -14.27 5.58
O MSE B 111 -10.06 -14.77 6.45
CB MSE B 111 -10.17 -12.04 4.64
CG MSE B 111 -9.32 -11.25 3.65
SE MSE B 111 -9.15 -9.40 4.26
CE MSE B 111 -7.92 -9.70 5.73
N ARG B 112 -12.10 -14.36 5.60
CA ARG B 112 -12.79 -15.03 6.72
C ARG B 112 -12.51 -16.53 6.75
N GLU B 113 -12.29 -17.13 5.58
CA GLU B 113 -11.87 -18.52 5.51
C GLU B 113 -10.45 -18.68 6.06
N LYS B 114 -9.57 -17.73 5.73
CA LYS B 114 -8.19 -17.76 6.19
C LYS B 114 -8.07 -17.65 7.71
N TYR B 115 -8.81 -16.70 8.28
CA TYR B 115 -8.79 -16.49 9.73
C TYR B 115 -9.71 -17.45 10.47
N GLY B 116 -10.62 -18.10 9.73
CA GLY B 116 -11.55 -19.07 10.28
C GLY B 116 -12.68 -18.46 11.06
N SER B 117 -12.88 -17.15 10.89
CA SER B 117 -13.80 -16.37 11.71
C SER B 117 -13.98 -14.97 11.10
N GLY B 118 -14.99 -14.25 11.60
CA GLY B 118 -15.17 -12.84 11.24
C GLY B 118 -14.28 -11.91 12.04
N VAL B 119 -13.52 -12.47 12.98
CA VAL B 119 -12.54 -11.71 13.76
C VAL B 119 -11.23 -12.50 13.89
N ASP B 120 -10.13 -11.79 14.11
CA ASP B 120 -8.84 -12.44 14.37
C ASP B 120 -8.72 -12.82 15.86
N LYS B 121 -7.53 -13.27 16.27
CA LYS B 121 -7.31 -13.72 17.65
C LYS B 121 -7.47 -12.61 18.70
N ASP B 122 -7.41 -11.36 18.24
CA ASP B 122 -7.49 -10.20 19.11
C ASP B 122 -8.83 -9.49 18.99
N ASN B 123 -9.79 -10.18 18.37
CA ASN B 123 -11.14 -9.66 18.15
C ASN B 123 -11.20 -8.49 17.17
N LEU B 124 -10.21 -8.40 16.29
CA LEU B 124 -10.23 -7.38 15.24
C LEU B 124 -10.93 -7.92 14.01
N ARG B 125 -11.78 -7.08 13.42
CA ARG B 125 -12.64 -7.50 12.32
C ARG B 125 -11.90 -7.97 11.09
N VAL B 126 -12.35 -9.10 10.54
CA VAL B 126 -11.87 -9.63 9.28
C VAL B 126 -12.89 -9.29 8.20
N GLU B 127 -12.43 -8.64 7.13
CA GLU B 127 -13.32 -8.17 6.06
C GLU B 127 -14.18 -9.30 5.50
N GLY B 128 -15.42 -8.96 5.18
CA GLY B 128 -16.38 -9.92 4.64
C GLY B 128 -16.92 -9.50 3.28
N PHE B 129 -16.04 -9.42 2.29
CA PHE B 129 -16.41 -9.02 0.93
C PHE B 129 -16.12 -10.10 -0.11
N GLY B 130 -15.88 -11.33 0.35
CA GLY B 130 -15.59 -12.44 -0.54
C GLY B 130 -14.29 -12.27 -1.31
N LEU B 131 -13.32 -11.61 -0.68
CA LEU B 131 -12.02 -11.35 -1.28
C LEU B 131 -10.90 -11.96 -0.44
N PRO B 132 -9.76 -12.29 -1.08
CA PRO B 132 -8.64 -12.94 -0.38
C PRO B 132 -7.78 -12.01 0.48
N PHE B 133 -7.98 -10.71 0.33
CA PHE B 133 -7.16 -9.73 1.06
C PHE B 133 -7.89 -8.39 1.13
N ASN B 134 -7.27 -7.44 1.81
CA ASN B 134 -7.83 -6.10 1.99
C ASN B 134 -8.43 -5.58 0.70
N LEU B 135 -9.69 -5.16 0.76
CA LEU B 135 -10.45 -4.76 -0.44
C LEU B 135 -9.80 -3.63 -1.27
N MSE B 136 -8.98 -2.78 -0.64
CA MSE B 136 -8.27 -1.74 -1.41
C MSE B 136 -7.39 -2.33 -2.50
O MSE B 136 -7.10 -1.67 -3.49
CB MSE B 136 -7.44 -0.83 -0.49
CG MSE B 136 -8.24 -0.12 0.60
SE MSE B 136 -9.64 1.01 -0.11
CE MSE B 136 -8.55 2.36 -1.00
N LEU B 137 -6.99 -3.58 -2.31
CA LEU B 137 -6.06 -4.25 -3.23
C LEU B 137 -6.75 -4.89 -4.44
N TYR B 138 -8.08 -4.82 -4.47
CA TYR B 138 -8.87 -5.42 -5.54
C TYR B 138 -9.48 -4.33 -6.40
N ASP B 139 -9.25 -4.37 -7.71
CA ASP B 139 -9.77 -3.34 -8.62
C ASP B 139 -10.75 -3.84 -9.68
N GLY B 140 -11.16 -5.10 -9.58
CA GLY B 140 -12.13 -5.67 -10.52
C GLY B 140 -11.52 -6.69 -11.46
N VAL B 141 -10.20 -6.61 -11.64
CA VAL B 141 -9.49 -7.63 -12.40
C VAL B 141 -9.40 -8.88 -11.54
N GLU B 142 -9.55 -10.04 -12.16
CA GLU B 142 -9.45 -11.32 -11.50
C GLU B 142 -8.15 -11.42 -10.67
N VAL B 143 -8.26 -12.02 -9.49
CA VAL B 143 -7.07 -12.36 -8.70
C VAL B 143 -6.53 -13.69 -9.20
N PHE B 144 -5.32 -13.67 -9.75
CA PHE B 144 -4.70 -14.84 -10.35
C PHE B 144 -4.03 -15.75 -9.32
N ASP B 145 -3.70 -16.97 -9.72
CA ASP B 145 -3.11 -18.01 -8.87
CA ASP B 145 -3.10 -17.86 -8.73
C ASP B 145 -1.59 -18.01 -8.87
N SER B 146 -1.02 -17.30 -9.84
CA SER B 146 0.42 -17.38 -10.09
C SER B 146 0.89 -16.19 -10.91
N PHE B 147 2.20 -15.96 -10.89
CA PHE B 147 2.80 -14.96 -11.76
C PHE B 147 2.48 -15.25 -13.22
N GLU B 148 2.64 -16.51 -13.64
CA GLU B 148 2.45 -16.88 -15.04
C GLU B 148 1.03 -16.62 -15.55
N SER B 149 0.03 -16.91 -14.72
CA SER B 149 -1.35 -16.68 -15.14
CA SER B 149 -1.35 -16.69 -15.12
C SER B 149 -1.65 -15.20 -15.27
N ALA B 150 -1.09 -14.38 -14.38
CA ALA B 150 -1.21 -12.92 -14.49
C ALA B 150 -0.52 -12.46 -15.77
N PHE B 151 0.64 -13.03 -16.06
CA PHE B 151 1.41 -12.65 -17.26
C PHE B 151 0.65 -12.98 -18.54
N LYS B 152 -0.06 -14.11 -18.55
CA LYS B 152 -0.90 -14.47 -19.69
C LYS B 152 -2.00 -13.43 -19.94
N TYR B 153 -2.60 -12.92 -18.86
CA TYR B 153 -3.59 -11.86 -18.97
C TYR B 153 -2.95 -10.60 -19.57
N PHE B 154 -1.75 -10.26 -19.10
CA PHE B 154 -1.01 -9.11 -19.63
C PHE B 154 -0.84 -9.24 -21.15
N LEU B 155 -0.39 -10.41 -21.58
CA LEU B 155 -0.11 -10.65 -23.00
C LEU B 155 -1.37 -10.53 -23.86
N ALA B 156 -2.51 -10.91 -23.28
CA ALA B 156 -3.77 -10.87 -24.00
C ALA B 156 -4.36 -9.46 -24.07
N ASN B 157 -4.06 -8.65 -23.06
CA ASN B 157 -4.74 -7.37 -22.87
C ASN B 157 -3.85 -6.14 -23.04
N PHE B 158 -2.56 -6.38 -23.23
CA PHE B 158 -1.61 -5.32 -23.53
C PHE B 158 -0.69 -5.77 -24.68
N PRO B 159 -1.21 -5.78 -25.92
CA PRO B 159 -0.41 -6.25 -27.04
C PRO B 159 0.62 -5.21 -27.51
N SER B 160 1.57 -5.66 -28.32
CA SER B 160 2.57 -4.77 -28.91
C SER B 160 2.01 -4.07 -30.15
S SO4 C . -13.51 23.48 -0.41
O1 SO4 C . -14.71 24.21 -0.81
O2 SO4 C . -13.61 22.08 -0.82
O3 SO4 C . -13.38 23.54 1.04
O4 SO4 C . -12.35 24.08 -1.06
CAH 12M D . 15.84 -3.97 0.59
CAD 12M D . 14.36 -4.33 0.41
CAA 12M D . 13.72 -3.58 -0.78
CAC 12M D . 14.40 -3.59 -2.00
CAG 12M D . 13.88 -2.94 -3.11
CAI 12M D . 12.67 -2.26 -3.03
CAE 12M D . 11.98 -2.25 -1.81
CAB 12M D . 12.49 -2.90 -0.69
CAF 12M D . 11.66 -2.83 0.59
OAJ 12M D . 10.32 -2.41 0.31
C1 GOL E . -7.52 0.23 6.34
O1 GOL E . -7.26 -0.99 5.67
C2 GOL E . -8.60 1.04 5.64
O2 GOL E . -8.36 1.12 4.25
C3 GOL E . -8.73 2.43 6.24
O3 GOL E . -7.54 3.20 6.13
S SO4 F . -20.36 -8.32 9.90
O1 SO4 F . -20.15 -7.89 11.26
O2 SO4 F . -21.65 -7.82 9.43
O3 SO4 F . -20.33 -9.78 9.81
O4 SO4 F . -19.31 -7.77 9.03
S SO4 G . 7.29 -7.11 -29.28
O1 SO4 G . 6.38 -7.91 -28.47
O2 SO4 G . 7.65 -5.89 -28.56
O3 SO4 G . 6.64 -6.76 -30.54
O4 SO4 G . 8.49 -7.90 -29.56
CAH 12M H . -14.75 -2.68 5.80
CAD 12M H . -13.25 -2.38 5.73
CAA 12M H . -12.93 -1.06 5.01
CAC 12M H . -13.81 0.01 5.18
CAG 12M H . -13.59 1.24 4.56
CAI 12M H . -12.47 1.41 3.76
CAE 12M H . -11.57 0.36 3.58
CAB 12M H . -11.80 -0.87 4.20
CAF 12M H . -10.76 -1.99 3.95
OAJ 12M H . -9.55 -1.47 3.42
C1 GOL I . 8.32 -5.50 -1.39
O1 GOL I . 8.17 -4.91 -0.11
C2 GOL I . 9.26 -4.68 -2.27
O2 GOL I . 8.88 -3.32 -2.27
C3 GOL I . 9.29 -5.23 -3.69
O3 GOL I . 8.02 -5.22 -4.34
#